data_2NDL
#
_entry.id   2NDL
#
_entity_poly.entity_id   1
_entity_poly.type   'polypeptide(L)'
_entity_poly.pdbx_seq_one_letter_code
;GPCFPMGPWGPFCIPD
;
_entity_poly.pdbx_strand_id   A
#
# COMPACT_ATOMS: atom_id res chain seq x y z
N GLY A 1 -8.52 1.65 2.93
CA GLY A 1 -7.66 0.84 3.78
C GLY A 1 -6.32 1.48 4.02
N PRO A 2 -5.58 0.96 5.01
CA PRO A 2 -4.25 1.48 5.36
C PRO A 2 -3.21 1.15 4.30
N CYS A 3 -1.94 1.30 4.67
CA CYS A 3 -0.85 1.02 3.74
C CYS A 3 -0.19 -0.32 4.05
N PHE A 4 0.34 -0.98 3.03
CA PHE A 4 0.99 -2.28 3.19
C PHE A 4 2.23 -2.38 2.31
N PRO A 5 3.29 -2.98 2.86
CA PRO A 5 4.56 -3.15 2.13
C PRO A 5 4.45 -4.18 1.01
N MET A 6 3.90 -3.73 -0.12
CA MET A 6 3.73 -4.61 -1.28
C MET A 6 3.79 -3.81 -2.57
N GLY A 7 3.67 -4.52 -3.70
CA GLY A 7 3.70 -3.86 -4.99
C GLY A 7 5.11 -3.54 -5.45
N PRO A 8 5.22 -2.79 -6.55
CA PRO A 8 6.53 -2.41 -7.11
C PRO A 8 7.27 -1.41 -6.24
N TRP A 9 6.52 -0.56 -5.54
CA TRP A 9 7.11 0.44 -4.67
C TRP A 9 7.24 -0.09 -3.25
N GLY A 10 6.20 -0.75 -2.77
CA GLY A 10 6.22 -1.30 -1.42
C GLY A 10 5.18 -0.67 -0.53
N PRO A 11 5.59 0.37 0.22
CA PRO A 11 4.70 1.08 1.15
C PRO A 11 3.64 1.90 0.41
N PHE A 12 2.58 1.24 -0.01
CA PHE A 12 1.49 1.90 -0.72
C PHE A 12 0.20 1.86 0.09
N CYS A 13 -0.60 2.92 -0.01
CA CYS A 13 -1.86 3.00 0.72
C CYS A 13 -3.04 2.85 -0.24
N ILE A 14 -4.14 2.31 0.27
CA ILE A 14 -5.33 2.10 -0.54
C ILE A 14 -6.47 3.02 -0.08
N PRO A 15 -7.43 3.25 -0.98
CA PRO A 15 -8.59 4.12 -0.70
C PRO A 15 -9.54 3.50 0.31
N ASP A 16 -9.59 2.16 0.34
CA ASP A 16 -10.46 1.44 1.25
C ASP A 16 -9.84 1.36 2.65
N GLY A 1 -8.52 1.65 2.93
CA GLY A 1 -7.66 0.84 3.78
C GLY A 1 -6.31 1.48 4.01
N PRO A 2 -5.57 0.97 5.02
CA PRO A 2 -4.25 1.48 5.36
C PRO A 2 -3.21 1.15 4.30
N CYS A 3 -1.94 1.30 4.67
CA CYS A 3 -0.84 1.02 3.73
C CYS A 3 -0.19 -0.32 4.05
N PHE A 4 0.34 -0.98 3.03
CA PHE A 4 0.99 -2.28 3.19
C PHE A 4 2.23 -2.38 2.31
N PRO A 5 3.29 -2.98 2.86
CA PRO A 5 4.56 -3.16 2.14
C PRO A 5 4.45 -4.18 1.01
N MET A 6 3.90 -3.75 -0.12
CA MET A 6 3.74 -4.61 -1.28
C MET A 6 3.79 -3.81 -2.57
N GLY A 7 3.67 -4.52 -3.70
CA GLY A 7 3.70 -3.86 -4.99
C GLY A 7 5.11 -3.54 -5.45
N PRO A 8 5.22 -2.79 -6.55
CA PRO A 8 6.53 -2.40 -7.11
C PRO A 8 7.26 -1.40 -6.22
N TRP A 9 6.51 -0.54 -5.55
CA TRP A 9 7.10 0.46 -4.66
C TRP A 9 7.24 -0.08 -3.25
N GLY A 10 6.20 -0.75 -2.77
CA GLY A 10 6.21 -1.30 -1.42
C GLY A 10 5.18 -0.67 -0.53
N PRO A 11 5.59 0.36 0.22
CA PRO A 11 4.70 1.08 1.15
C PRO A 11 3.64 1.90 0.41
N PHE A 12 2.57 1.23 -0.01
CA PHE A 12 1.49 1.91 -0.73
C PHE A 12 0.20 1.86 0.08
N CYS A 13 -0.60 2.92 -0.01
CA CYS A 13 -1.86 3.00 0.71
C CYS A 13 -3.04 2.85 -0.24
N ILE A 14 -4.14 2.31 0.27
CA ILE A 14 -5.33 2.10 -0.54
C ILE A 14 -6.47 3.02 -0.08
N PRO A 15 -7.43 3.25 -0.98
CA PRO A 15 -8.59 4.12 -0.70
C PRO A 15 -9.54 3.50 0.31
N ASP A 16 -9.59 2.16 0.34
CA ASP A 16 -10.46 1.44 1.26
C ASP A 16 -9.83 1.37 2.65
N GLY A 1 -8.52 1.65 2.93
CA GLY A 1 -7.66 0.84 3.77
C GLY A 1 -6.31 1.48 4.01
N PRO A 2 -5.58 0.96 5.01
CA PRO A 2 -4.25 1.47 5.37
C PRO A 2 -3.21 1.15 4.30
N CYS A 3 -1.94 1.30 4.67
CA CYS A 3 -0.84 1.02 3.74
C CYS A 3 -0.19 -0.32 4.05
N PHE A 4 0.34 -0.98 3.03
CA PHE A 4 0.99 -2.28 3.19
C PHE A 4 2.23 -2.38 2.31
N PRO A 5 3.30 -2.97 2.85
CA PRO A 5 4.56 -3.15 2.14
C PRO A 5 4.45 -4.17 1.00
N MET A 6 3.90 -3.73 -0.12
CA MET A 6 3.72 -4.61 -1.28
C MET A 6 3.78 -3.81 -2.57
N GLY A 7 3.66 -4.52 -3.69
CA GLY A 7 3.69 -3.85 -4.99
C GLY A 7 5.10 -3.54 -5.45
N PRO A 8 5.22 -2.79 -6.55
CA PRO A 8 6.53 -2.41 -7.11
C PRO A 8 7.27 -1.41 -6.23
N TRP A 9 6.51 -0.55 -5.55
CA TRP A 9 7.11 0.44 -4.67
C TRP A 9 7.24 -0.09 -3.25
N GLY A 10 6.20 -0.75 -2.77
CA GLY A 10 6.22 -1.30 -1.42
C GLY A 10 5.18 -0.67 -0.53
N PRO A 11 5.59 0.37 0.22
CA PRO A 11 4.71 1.08 1.15
C PRO A 11 3.65 1.90 0.41
N PHE A 12 2.58 1.24 0.00
CA PHE A 12 1.50 1.90 -0.72
C PHE A 12 0.20 1.86 0.09
N CYS A 13 -0.60 2.91 0.00
CA CYS A 13 -1.86 3.00 0.72
C CYS A 13 -3.03 2.84 -0.24
N ILE A 14 -4.14 2.31 0.27
CA ILE A 14 -5.33 2.10 -0.54
C ILE A 14 -6.47 3.02 -0.08
N PRO A 15 -7.43 3.26 -0.98
CA PRO A 15 -8.59 4.12 -0.70
C PRO A 15 -9.54 3.49 0.31
N ASP A 16 -9.59 2.16 0.33
CA ASP A 16 -10.46 1.44 1.25
C ASP A 16 -9.84 1.36 2.65
N GLY A 1 -8.52 1.65 2.93
CA GLY A 1 -7.66 0.84 3.78
C GLY A 1 -6.31 1.48 4.01
N PRO A 2 -5.58 0.96 5.01
CA PRO A 2 -4.25 1.48 5.36
C PRO A 2 -3.21 1.15 4.30
N CYS A 3 -1.94 1.30 4.67
CA CYS A 3 -0.84 1.02 3.74
C CYS A 3 -0.19 -0.32 4.05
N PHE A 4 0.34 -0.98 3.03
CA PHE A 4 0.99 -2.28 3.19
C PHE A 4 2.23 -2.38 2.31
N PRO A 5 3.29 -2.98 2.86
CA PRO A 5 4.56 -3.15 2.13
C PRO A 5 4.44 -4.18 1.01
N MET A 6 3.89 -3.74 -0.12
CA MET A 6 3.73 -4.61 -1.28
C MET A 6 3.78 -3.81 -2.57
N GLY A 7 3.66 -4.51 -3.70
CA GLY A 7 3.70 -3.86 -4.99
C GLY A 7 5.11 -3.54 -5.45
N PRO A 8 5.22 -2.79 -6.55
CA PRO A 8 6.53 -2.41 -7.11
C PRO A 8 7.27 -1.41 -6.24
N TRP A 9 6.52 -0.56 -5.55
CA TRP A 9 7.11 0.44 -4.67
C TRP A 9 7.24 -0.09 -3.25
N GLY A 10 6.20 -0.75 -2.77
CA GLY A 10 6.22 -1.30 -1.42
C GLY A 10 5.18 -0.67 -0.53
N PRO A 11 5.59 0.36 0.22
CA PRO A 11 4.70 1.08 1.15
C PRO A 11 3.65 1.90 0.41
N PHE A 12 2.58 1.24 -0.01
CA PHE A 12 1.49 1.90 -0.72
C PHE A 12 0.20 1.86 0.09
N CYS A 13 -0.60 2.92 -0.01
CA CYS A 13 -1.86 3.00 0.72
C CYS A 13 -3.03 2.84 -0.24
N ILE A 14 -4.14 2.31 0.27
CA ILE A 14 -5.33 2.10 -0.54
C ILE A 14 -6.47 3.02 -0.08
N PRO A 15 -7.43 3.26 -0.98
CA PRO A 15 -8.59 4.12 -0.70
C PRO A 15 -9.54 3.49 0.31
N ASP A 16 -9.59 2.16 0.34
CA ASP A 16 -10.46 1.44 1.25
C ASP A 16 -9.84 1.36 2.65
N GLY A 1 -8.52 1.65 2.93
CA GLY A 1 -7.66 0.84 3.77
C GLY A 1 -6.32 1.48 4.02
N PRO A 2 -5.59 0.97 5.01
CA PRO A 2 -4.25 1.48 5.37
C PRO A 2 -3.21 1.15 4.30
N CYS A 3 -1.94 1.30 4.67
CA CYS A 3 -0.85 1.02 3.74
C CYS A 3 -0.19 -0.32 4.05
N PHE A 4 0.34 -0.98 3.03
CA PHE A 4 0.99 -2.28 3.19
C PHE A 4 2.23 -2.38 2.31
N PRO A 5 3.29 -2.98 2.86
CA PRO A 5 4.56 -3.15 2.13
C PRO A 5 4.45 -4.17 1.01
N MET A 6 3.90 -3.73 -0.12
CA MET A 6 3.73 -4.61 -1.28
C MET A 6 3.78 -3.81 -2.57
N GLY A 7 3.66 -4.51 -3.70
CA GLY A 7 3.69 -3.85 -4.99
C GLY A 7 5.11 -3.54 -5.45
N PRO A 8 5.22 -2.79 -6.56
CA PRO A 8 6.53 -2.41 -7.11
C PRO A 8 7.27 -1.41 -6.24
N TRP A 9 6.52 -0.56 -5.55
CA TRP A 9 7.11 0.44 -4.67
C TRP A 9 7.24 -0.09 -3.25
N GLY A 10 6.20 -0.75 -2.77
CA GLY A 10 6.22 -1.30 -1.42
C GLY A 10 5.18 -0.67 -0.53
N PRO A 11 5.59 0.37 0.22
CA PRO A 11 4.71 1.08 1.15
C PRO A 11 3.65 1.90 0.41
N PHE A 12 2.58 1.24 -0.01
CA PHE A 12 1.49 1.90 -0.72
C PHE A 12 0.20 1.86 0.09
N CYS A 13 -0.60 2.92 -0.01
CA CYS A 13 -1.86 3.00 0.72
C CYS A 13 -3.03 2.84 -0.24
N ILE A 14 -4.14 2.31 0.27
CA ILE A 14 -5.33 2.10 -0.54
C ILE A 14 -6.47 3.02 -0.08
N PRO A 15 -7.43 3.26 -0.98
CA PRO A 15 -8.59 4.12 -0.70
C PRO A 15 -9.54 3.50 0.31
N ASP A 16 -9.59 2.16 0.34
CA ASP A 16 -10.46 1.44 1.25
C ASP A 16 -9.84 1.36 2.65
N GLY A 1 -8.52 1.65 2.93
CA GLY A 1 -7.66 0.84 3.78
C GLY A 1 -6.31 1.48 4.01
N PRO A 2 -5.58 0.96 5.01
CA PRO A 2 -4.25 1.48 5.36
C PRO A 2 -3.21 1.15 4.30
N CYS A 3 -1.94 1.30 4.67
CA CYS A 3 -0.85 1.02 3.74
C CYS A 3 -0.19 -0.32 4.05
N PHE A 4 0.34 -0.98 3.03
CA PHE A 4 0.99 -2.28 3.19
C PHE A 4 2.23 -2.38 2.31
N PRO A 5 3.29 -2.98 2.86
CA PRO A 5 4.56 -3.15 2.13
C PRO A 5 4.44 -4.18 1.01
N MET A 6 3.89 -3.74 -0.12
CA MET A 6 3.73 -4.61 -1.28
C MET A 6 3.79 -3.81 -2.57
N GLY A 7 3.67 -4.52 -3.70
CA GLY A 7 3.70 -3.86 -4.99
C GLY A 7 5.11 -3.54 -5.45
N PRO A 8 5.22 -2.79 -6.55
CA PRO A 8 6.53 -2.41 -7.11
C PRO A 8 7.26 -1.41 -6.23
N TRP A 9 6.51 -0.55 -5.55
CA TRP A 9 7.10 0.46 -4.66
C TRP A 9 7.24 -0.08 -3.25
N GLY A 10 6.20 -0.75 -2.77
CA GLY A 10 6.22 -1.30 -1.42
C GLY A 10 5.18 -0.67 -0.53
N PRO A 11 5.59 0.36 0.22
CA PRO A 11 4.70 1.08 1.15
C PRO A 11 3.65 1.90 0.41
N PHE A 12 2.57 1.23 -0.01
CA PHE A 12 1.49 1.90 -0.72
C PHE A 12 0.20 1.86 0.09
N CYS A 13 -0.60 2.92 -0.01
CA CYS A 13 -1.86 3.00 0.71
C CYS A 13 -3.03 2.84 -0.24
N ILE A 14 -4.14 2.31 0.27
CA ILE A 14 -5.33 2.10 -0.54
C ILE A 14 -6.47 3.02 -0.08
N PRO A 15 -7.43 3.26 -0.98
CA PRO A 15 -8.59 4.12 -0.70
C PRO A 15 -9.54 3.50 0.31
N ASP A 16 -9.59 2.16 0.33
CA ASP A 16 -10.46 1.44 1.25
C ASP A 16 -9.83 1.37 2.65
N GLY A 1 -8.52 1.65 2.92
CA GLY A 1 -7.67 0.84 3.77
C GLY A 1 -6.32 1.48 4.02
N PRO A 2 -5.59 0.97 5.01
CA PRO A 2 -4.25 1.47 5.37
C PRO A 2 -3.21 1.15 4.30
N CYS A 3 -1.94 1.30 4.67
CA CYS A 3 -0.85 1.02 3.74
C CYS A 3 -0.20 -0.33 4.06
N PHE A 4 0.34 -0.98 3.03
CA PHE A 4 0.99 -2.27 3.19
C PHE A 4 2.23 -2.38 2.31
N PRO A 5 3.30 -2.97 2.86
CA PRO A 5 4.56 -3.15 2.14
C PRO A 5 4.45 -4.17 1.00
N MET A 6 3.90 -3.73 -0.12
CA MET A 6 3.73 -4.61 -1.28
C MET A 6 3.78 -3.81 -2.57
N GLY A 7 3.65 -4.51 -3.70
CA GLY A 7 3.68 -3.85 -4.99
C GLY A 7 5.10 -3.54 -5.45
N PRO A 8 5.21 -2.78 -6.55
CA PRO A 8 6.52 -2.40 -7.11
C PRO A 8 7.26 -1.41 -6.24
N TRP A 9 6.52 -0.56 -5.55
CA TRP A 9 7.11 0.44 -4.67
C TRP A 9 7.25 -0.09 -3.25
N GLY A 10 6.20 -0.75 -2.77
CA GLY A 10 6.22 -1.30 -1.42
C GLY A 10 5.18 -0.67 -0.53
N PRO A 11 5.60 0.37 0.22
CA PRO A 11 4.71 1.09 1.15
C PRO A 11 3.65 1.91 0.42
N PHE A 12 2.59 1.24 0.00
CA PHE A 12 1.50 1.91 -0.71
C PHE A 12 0.21 1.86 0.09
N CYS A 13 -0.59 2.91 -0.01
CA CYS A 13 -1.85 2.99 0.71
C CYS A 13 -3.04 2.83 -0.24
N ILE A 14 -4.14 2.31 0.27
CA ILE A 14 -5.33 2.10 -0.54
C ILE A 14 -6.47 3.02 -0.08
N PRO A 15 -7.43 3.26 -0.98
CA PRO A 15 -8.59 4.12 -0.70
C PRO A 15 -9.54 3.49 0.31
N ASP A 16 -9.59 2.16 0.33
CA ASP A 16 -10.46 1.44 1.25
C ASP A 16 -9.84 1.36 2.65
N GLY A 1 -8.52 1.65 2.92
CA GLY A 1 -7.66 0.84 3.77
C GLY A 1 -6.31 1.48 4.01
N PRO A 2 -5.58 0.96 5.01
CA PRO A 2 -4.25 1.47 5.36
C PRO A 2 -3.21 1.15 4.30
N CYS A 3 -1.94 1.30 4.67
CA CYS A 3 -0.84 1.02 3.74
C CYS A 3 -0.19 -0.32 4.06
N PHE A 4 0.34 -0.98 3.03
CA PHE A 4 0.99 -2.27 3.19
C PHE A 4 2.23 -2.38 2.31
N PRO A 5 3.30 -2.97 2.86
CA PRO A 5 4.56 -3.15 2.14
C PRO A 5 4.45 -4.17 1.00
N MET A 6 3.90 -3.73 -0.12
CA MET A 6 3.72 -4.61 -1.28
C MET A 6 3.78 -3.81 -2.57
N GLY A 7 3.66 -4.51 -3.70
CA GLY A 7 3.69 -3.85 -4.99
C GLY A 7 5.10 -3.54 -5.45
N PRO A 8 5.22 -2.79 -6.55
CA PRO A 8 6.52 -2.40 -7.11
C PRO A 8 7.27 -1.41 -6.24
N TRP A 9 6.52 -0.56 -5.55
CA TRP A 9 7.11 0.44 -4.67
C TRP A 9 7.24 -0.09 -3.25
N GLY A 10 6.20 -0.75 -2.77
CA GLY A 10 6.22 -1.30 -1.42
C GLY A 10 5.18 -0.67 -0.53
N PRO A 11 5.59 0.37 0.22
CA PRO A 11 4.71 1.08 1.15
C PRO A 11 3.65 1.90 0.41
N PHE A 12 2.58 1.24 0.00
CA PHE A 12 1.50 1.90 -0.72
C PHE A 12 0.20 1.86 0.09
N CYS A 13 -0.60 2.92 -0.01
CA CYS A 13 -1.86 3.00 0.72
C CYS A 13 -3.03 2.84 -0.24
N ILE A 14 -4.14 2.31 0.27
CA ILE A 14 -5.33 2.10 -0.54
C ILE A 14 -6.47 3.02 -0.08
N PRO A 15 -7.43 3.26 -0.98
CA PRO A 15 -8.59 4.12 -0.70
C PRO A 15 -9.54 3.49 0.31
N ASP A 16 -9.59 2.16 0.33
CA ASP A 16 -10.46 1.44 1.25
C ASP A 16 -9.83 1.36 2.65
N GLY A 1 -8.52 1.65 2.93
CA GLY A 1 -7.66 0.84 3.78
C GLY A 1 -6.31 1.48 4.01
N PRO A 2 -5.57 0.97 5.02
CA PRO A 2 -4.25 1.48 5.36
C PRO A 2 -3.21 1.15 4.30
N CYS A 3 -1.94 1.30 4.67
CA CYS A 3 -0.84 1.02 3.74
C CYS A 3 -0.19 -0.32 4.05
N PHE A 4 0.34 -0.98 3.03
CA PHE A 4 0.99 -2.28 3.19
C PHE A 4 2.23 -2.38 2.31
N PRO A 5 3.29 -2.98 2.86
CA PRO A 5 4.56 -3.15 2.13
C PRO A 5 4.44 -4.18 1.01
N MET A 6 3.90 -3.73 -0.12
CA MET A 6 3.73 -4.61 -1.28
C MET A 6 3.79 -3.81 -2.57
N GLY A 7 3.67 -4.52 -3.70
CA GLY A 7 3.70 -3.86 -4.99
C GLY A 7 5.11 -3.54 -5.45
N PRO A 8 5.22 -2.79 -6.55
CA PRO A 8 6.53 -2.41 -7.11
C PRO A 8 7.27 -1.41 -6.24
N TRP A 9 6.52 -0.56 -5.55
CA TRP A 9 7.11 0.44 -4.67
C TRP A 9 7.24 -0.09 -3.25
N GLY A 10 6.20 -0.75 -2.77
CA GLY A 10 6.22 -1.30 -1.42
C GLY A 10 5.18 -0.67 -0.53
N PRO A 11 5.59 0.37 0.22
CA PRO A 11 4.70 1.08 1.15
C PRO A 11 3.64 1.90 0.41
N PHE A 12 2.58 1.24 -0.01
CA PHE A 12 1.49 1.90 -0.72
C PHE A 12 0.20 1.86 0.09
N CYS A 13 -0.60 2.92 -0.01
CA CYS A 13 -1.86 3.00 0.72
C CYS A 13 -3.04 2.85 -0.24
N ILE A 14 -4.14 2.31 0.27
CA ILE A 14 -5.33 2.10 -0.54
C ILE A 14 -6.47 3.02 -0.08
N PRO A 15 -7.43 3.26 -0.98
CA PRO A 15 -8.59 4.12 -0.70
C PRO A 15 -9.54 3.49 0.31
N ASP A 16 -9.59 2.16 0.34
CA ASP A 16 -10.46 1.44 1.25
C ASP A 16 -9.83 1.36 2.65
N GLY A 1 -8.53 1.65 2.92
CA GLY A 1 -7.67 0.84 3.77
C GLY A 1 -6.32 1.48 4.02
N PRO A 2 -5.59 0.96 5.01
CA PRO A 2 -4.26 1.47 5.37
C PRO A 2 -3.22 1.15 4.30
N CYS A 3 -1.94 1.29 4.66
CA CYS A 3 -0.85 1.01 3.74
C CYS A 3 -0.20 -0.33 4.06
N PHE A 4 0.35 -0.97 3.04
CA PHE A 4 1.00 -2.26 3.21
C PHE A 4 2.24 -2.37 2.31
N PRO A 5 3.31 -2.96 2.85
CA PRO A 5 4.58 -3.14 2.13
C PRO A 5 4.45 -4.16 1.01
N MET A 6 3.89 -3.73 -0.12
CA MET A 6 3.72 -4.60 -1.28
C MET A 6 3.77 -3.81 -2.57
N GLY A 7 3.64 -4.51 -3.69
CA GLY A 7 3.67 -3.85 -4.99
C GLY A 7 5.09 -3.54 -5.45
N PRO A 8 5.21 -2.78 -6.55
CA PRO A 8 6.51 -2.41 -7.12
C PRO A 8 7.26 -1.42 -6.24
N TRP A 9 6.51 -0.55 -5.55
CA TRP A 9 7.11 0.45 -4.68
C TRP A 9 7.25 -0.09 -3.25
N GLY A 10 6.20 -0.75 -2.77
CA GLY A 10 6.22 -1.30 -1.42
C GLY A 10 5.19 -0.68 -0.53
N PRO A 11 5.61 0.37 0.22
CA PRO A 11 4.72 1.08 1.15
C PRO A 11 3.67 1.90 0.42
N PHE A 12 2.59 1.25 0.00
CA PHE A 12 1.52 1.91 -0.70
C PHE A 12 0.22 1.87 0.10
N CYS A 13 -0.59 2.91 -0.01
CA CYS A 13 -1.85 2.99 0.71
C CYS A 13 -3.03 2.84 -0.25
N ILE A 14 -4.14 2.31 0.26
CA ILE A 14 -5.33 2.10 -0.55
C ILE A 14 -6.47 3.02 -0.08
N PRO A 15 -7.43 3.26 -0.98
CA PRO A 15 -8.59 4.11 -0.69
C PRO A 15 -9.54 3.48 0.32
N ASP A 16 -9.58 2.15 0.33
CA ASP A 16 -10.45 1.43 1.24
C ASP A 16 -9.84 1.36 2.64
N GLY A 1 -8.46 1.31 2.82
CA GLY A 1 -7.68 0.72 3.89
C GLY A 1 -6.34 1.41 4.07
N PRO A 2 -5.57 0.96 5.07
CA PRO A 2 -4.25 1.52 5.38
C PRO A 2 -3.23 1.18 4.31
N CYS A 3 -1.95 1.35 4.64
CA CYS A 3 -0.87 1.06 3.72
C CYS A 3 -0.23 -0.30 4.03
N PHE A 4 0.29 -0.95 3.00
CA PHE A 4 0.93 -2.25 3.17
C PHE A 4 2.18 -2.36 2.30
N PRO A 5 3.25 -2.94 2.87
CA PRO A 5 4.52 -3.12 2.16
C PRO A 5 4.43 -4.16 1.05
N MET A 6 3.91 -3.74 -0.10
CA MET A 6 3.76 -4.63 -1.25
C MET A 6 3.80 -3.84 -2.55
N GLY A 7 3.69 -4.55 -3.67
CA GLY A 7 3.71 -3.91 -4.97
C GLY A 7 5.12 -3.59 -5.43
N PRO A 8 5.22 -2.84 -6.55
CA PRO A 8 6.51 -2.45 -7.11
C PRO A 8 7.25 -1.44 -6.24
N TRP A 9 6.49 -0.58 -5.56
CA TRP A 9 7.06 0.44 -4.69
C TRP A 9 7.21 -0.08 -3.27
N GLY A 10 6.17 -0.76 -2.78
CA GLY A 10 6.20 -1.29 -1.43
C GLY A 10 5.16 -0.66 -0.53
N PRO A 11 5.57 0.37 0.21
CA PRO A 11 4.67 1.10 1.13
C PRO A 11 3.62 1.90 0.40
N PHE A 12 2.55 1.23 -0.03
CA PHE A 12 1.47 1.90 -0.76
C PHE A 12 0.19 1.89 0.06
N CYS A 13 -0.57 2.98 -0.02
CA CYS A 13 -1.83 3.08 0.71
C CYS A 13 -3.02 2.95 -0.23
N ILE A 14 -4.10 2.37 0.28
CA ILE A 14 -5.31 2.19 -0.51
C ILE A 14 -6.43 3.11 -0.04
N PRO A 15 -7.39 3.38 -0.93
CA PRO A 15 -8.53 4.24 -0.62
C PRO A 15 -9.49 3.61 0.37
N ASP A 16 -9.55 2.28 0.37
CA ASP A 16 -10.42 1.55 1.28
C ASP A 16 -9.61 0.74 2.29
N GLY A 1 -8.47 1.32 2.82
CA GLY A 1 -7.68 0.72 3.89
C GLY A 1 -6.34 1.41 4.07
N PRO A 2 -5.57 0.97 5.08
CA PRO A 2 -4.25 1.53 5.38
C PRO A 2 -3.23 1.18 4.31
N CYS A 3 -1.95 1.35 4.64
CA CYS A 3 -0.87 1.06 3.72
C CYS A 3 -0.23 -0.29 4.03
N PHE A 4 0.29 -0.95 3.00
CA PHE A 4 0.93 -2.25 3.17
C PHE A 4 2.18 -2.36 2.30
N PRO A 5 3.25 -2.95 2.86
CA PRO A 5 4.52 -3.12 2.16
C PRO A 5 4.43 -4.16 1.05
N MET A 6 3.91 -3.74 -0.10
CA MET A 6 3.76 -4.63 -1.25
C MET A 6 3.80 -3.84 -2.55
N GLY A 7 3.69 -4.55 -3.67
CA GLY A 7 3.71 -3.91 -4.97
C GLY A 7 5.12 -3.59 -5.43
N PRO A 8 5.23 -2.84 -6.53
CA PRO A 8 6.52 -2.45 -7.11
C PRO A 8 7.25 -1.43 -6.23
N TRP A 9 6.49 -0.58 -5.56
CA TRP A 9 7.07 0.44 -4.69
C TRP A 9 7.21 -0.08 -3.27
N GLY A 10 6.17 -0.76 -2.78
CA GLY A 10 6.20 -1.29 -1.43
C GLY A 10 5.15 -0.66 -0.53
N PRO A 11 5.56 0.38 0.21
CA PRO A 11 4.67 1.09 1.13
C PRO A 11 3.62 1.91 0.39
N PHE A 12 2.55 1.23 -0.03
CA PHE A 12 1.47 1.90 -0.76
C PHE A 12 0.19 1.89 0.06
N CYS A 13 -0.57 2.98 -0.02
CA CYS A 13 -1.82 3.09 0.71
C CYS A 13 -3.02 2.95 -0.23
N ILE A 14 -4.10 2.37 0.28
CA ILE A 14 -5.31 2.19 -0.52
C ILE A 14 -6.43 3.11 -0.04
N PRO A 15 -7.39 3.38 -0.93
CA PRO A 15 -8.53 4.24 -0.62
C PRO A 15 -9.49 3.61 0.37
N ASP A 16 -9.55 2.28 0.37
CA ASP A 16 -10.42 1.55 1.28
C ASP A 16 -9.61 0.74 2.29
N GLY A 1 -8.47 1.32 2.82
CA GLY A 1 -7.68 0.72 3.89
C GLY A 1 -6.34 1.41 4.07
N PRO A 2 -5.57 0.96 5.07
CA PRO A 2 -4.25 1.52 5.38
C PRO A 2 -3.22 1.18 4.31
N CYS A 3 -1.95 1.35 4.64
CA CYS A 3 -0.87 1.06 3.72
C CYS A 3 -0.23 -0.29 4.03
N PHE A 4 0.29 -0.95 3.00
CA PHE A 4 0.92 -2.25 3.16
C PHE A 4 2.18 -2.36 2.29
N PRO A 5 3.25 -2.95 2.86
CA PRO A 5 4.52 -3.12 2.16
C PRO A 5 4.43 -4.16 1.05
N MET A 6 3.91 -3.74 -0.10
CA MET A 6 3.77 -4.63 -1.25
C MET A 6 3.80 -3.84 -2.55
N GLY A 7 3.69 -4.55 -3.67
CA GLY A 7 3.71 -3.91 -4.97
C GLY A 7 5.12 -3.59 -5.43
N PRO A 8 5.22 -2.84 -6.54
CA PRO A 8 6.52 -2.45 -7.11
C PRO A 8 7.25 -1.43 -6.24
N TRP A 9 6.49 -0.58 -5.56
CA TRP A 9 7.06 0.44 -4.69
C TRP A 9 7.21 -0.08 -3.27
N GLY A 10 6.17 -0.75 -2.78
CA GLY A 10 6.20 -1.29 -1.43
C GLY A 10 5.15 -0.66 -0.53
N PRO A 11 5.56 0.38 0.21
CA PRO A 11 4.67 1.10 1.13
C PRO A 11 3.61 1.91 0.39
N PHE A 12 2.55 1.24 -0.04
CA PHE A 12 1.47 1.90 -0.76
C PHE A 12 0.19 1.89 0.06
N CYS A 13 -0.57 2.98 -0.02
CA CYS A 13 -1.82 3.09 0.72
C CYS A 13 -3.02 2.95 -0.23
N ILE A 14 -4.10 2.37 0.28
CA ILE A 14 -5.31 2.19 -0.51
C ILE A 14 -6.43 3.11 -0.04
N PRO A 15 -7.39 3.38 -0.93
CA PRO A 15 -8.53 4.24 -0.62
C PRO A 15 -9.49 3.61 0.37
N ASP A 16 -9.55 2.28 0.37
CA ASP A 16 -10.42 1.55 1.28
C ASP A 16 -9.61 0.74 2.29
N GLY A 1 -8.47 1.32 2.82
CA GLY A 1 -7.68 0.72 3.89
C GLY A 1 -6.34 1.41 4.07
N PRO A 2 -5.57 0.97 5.08
CA PRO A 2 -4.25 1.53 5.38
C PRO A 2 -3.23 1.18 4.31
N CYS A 3 -1.95 1.35 4.64
CA CYS A 3 -0.87 1.06 3.72
C CYS A 3 -0.23 -0.30 4.03
N PHE A 4 0.29 -0.95 3.00
CA PHE A 4 0.93 -2.25 3.17
C PHE A 4 2.18 -2.36 2.30
N PRO A 5 3.25 -2.94 2.87
CA PRO A 5 4.52 -3.12 2.16
C PRO A 5 4.43 -4.16 1.05
N MET A 6 3.91 -3.74 -0.10
CA MET A 6 3.76 -4.63 -1.25
C MET A 6 3.80 -3.84 -2.55
N GLY A 7 3.69 -4.55 -3.67
CA GLY A 7 3.71 -3.91 -4.97
C GLY A 7 5.12 -3.59 -5.43
N PRO A 8 5.23 -2.83 -6.54
CA PRO A 8 6.51 -2.45 -7.11
C PRO A 8 7.25 -1.44 -6.24
N TRP A 9 6.49 -0.58 -5.56
CA TRP A 9 7.07 0.44 -4.69
C TRP A 9 7.21 -0.08 -3.27
N GLY A 10 6.17 -0.76 -2.78
CA GLY A 10 6.20 -1.29 -1.43
C GLY A 10 5.16 -0.66 -0.53
N PRO A 11 5.57 0.37 0.21
CA PRO A 11 4.67 1.10 1.13
C PRO A 11 3.62 1.91 0.39
N PHE A 12 2.56 1.23 -0.04
CA PHE A 12 1.47 1.90 -0.76
C PHE A 12 0.19 1.89 0.06
N CYS A 13 -0.57 2.98 -0.02
CA CYS A 13 -1.83 3.08 0.71
C CYS A 13 -3.02 2.95 -0.23
N ILE A 14 -4.10 2.37 0.28
CA ILE A 14 -5.31 2.19 -0.52
C ILE A 14 -6.43 3.11 -0.04
N PRO A 15 -7.39 3.38 -0.93
CA PRO A 15 -8.53 4.24 -0.62
C PRO A 15 -9.49 3.61 0.37
N ASP A 16 -9.55 2.28 0.37
CA ASP A 16 -10.42 1.55 1.28
C ASP A 16 -9.61 0.74 2.29
N GLY A 1 -8.46 1.31 2.81
CA GLY A 1 -7.68 0.73 3.88
C GLY A 1 -6.34 1.40 4.06
N PRO A 2 -5.57 0.96 5.07
CA PRO A 2 -4.25 1.52 5.38
C PRO A 2 -3.23 1.18 4.31
N CYS A 3 -1.95 1.35 4.64
CA CYS A 3 -0.87 1.06 3.72
C CYS A 3 -0.23 -0.29 4.03
N PHE A 4 0.29 -0.95 3.00
CA PHE A 4 0.93 -2.25 3.17
C PHE A 4 2.18 -2.35 2.29
N PRO A 5 3.25 -2.94 2.86
CA PRO A 5 4.52 -3.11 2.15
C PRO A 5 4.44 -4.15 1.04
N MET A 6 3.90 -3.74 -0.10
CA MET A 6 3.75 -4.62 -1.25
C MET A 6 3.79 -3.84 -2.55
N GLY A 7 3.68 -4.56 -3.67
CA GLY A 7 3.71 -3.91 -4.97
C GLY A 7 5.11 -3.59 -5.43
N PRO A 8 5.22 -2.84 -6.54
CA PRO A 8 6.52 -2.45 -7.10
C PRO A 8 7.25 -1.44 -6.23
N TRP A 9 6.49 -0.59 -5.56
CA TRP A 9 7.07 0.43 -4.69
C TRP A 9 7.21 -0.08 -3.27
N GLY A 10 6.17 -0.76 -2.78
CA GLY A 10 6.20 -1.29 -1.43
C GLY A 10 5.16 -0.66 -0.53
N PRO A 11 5.57 0.37 0.21
CA PRO A 11 4.68 1.09 1.13
C PRO A 11 3.62 1.91 0.40
N PHE A 12 2.56 1.24 -0.03
CA PHE A 12 1.48 1.90 -0.75
C PHE A 12 0.19 1.88 0.07
N CYS A 13 -0.57 2.97 -0.01
CA CYS A 13 -1.82 3.09 0.72
C CYS A 13 -3.02 2.95 -0.23
N ILE A 14 -4.10 2.37 0.28
CA ILE A 14 -5.31 2.19 -0.52
C ILE A 14 -6.43 3.11 -0.04
N PRO A 15 -7.39 3.38 -0.93
CA PRO A 15 -8.53 4.24 -0.62
C PRO A 15 -9.49 3.61 0.37
N ASP A 16 -9.55 2.28 0.37
CA ASP A 16 -10.42 1.55 1.28
C ASP A 16 -9.62 0.73 2.29
N GLY A 1 -8.46 1.31 2.82
CA GLY A 1 -7.68 0.72 3.88
C GLY A 1 -6.34 1.40 4.06
N PRO A 2 -5.58 0.95 5.07
CA PRO A 2 -4.25 1.52 5.38
C PRO A 2 -3.22 1.18 4.31
N CYS A 3 -1.95 1.35 4.64
CA CYS A 3 -0.87 1.06 3.72
C CYS A 3 -0.23 -0.29 4.03
N PHE A 4 0.29 -0.95 3.00
CA PHE A 4 0.93 -2.25 3.16
C PHE A 4 2.18 -2.35 2.29
N PRO A 5 3.25 -2.94 2.86
CA PRO A 5 4.52 -3.11 2.16
C PRO A 5 4.44 -4.15 1.04
N MET A 6 3.90 -3.74 -0.10
CA MET A 6 3.75 -4.62 -1.25
C MET A 6 3.79 -3.84 -2.55
N GLY A 7 3.68 -4.55 -3.67
CA GLY A 7 3.70 -3.91 -4.96
C GLY A 7 5.12 -3.59 -5.43
N PRO A 8 5.22 -2.84 -6.54
CA PRO A 8 6.52 -2.45 -7.10
C PRO A 8 7.25 -1.44 -6.23
N TRP A 9 6.49 -0.59 -5.56
CA TRP A 9 7.07 0.43 -4.69
C TRP A 9 7.21 -0.08 -3.27
N GLY A 10 6.17 -0.76 -2.78
CA GLY A 10 6.20 -1.29 -1.43
C GLY A 10 5.16 -0.66 -0.53
N PRO A 11 5.57 0.37 0.21
CA PRO A 11 4.68 1.09 1.13
C PRO A 11 3.62 1.91 0.39
N PHE A 12 2.56 1.24 -0.03
CA PHE A 12 1.48 1.91 -0.76
C PHE A 12 0.19 1.89 0.06
N CYS A 13 -0.57 2.97 -0.01
CA CYS A 13 -1.82 3.09 0.72
C CYS A 13 -3.02 2.95 -0.23
N ILE A 14 -4.10 2.37 0.28
CA ILE A 14 -5.31 2.19 -0.52
C ILE A 14 -6.43 3.11 -0.04
N PRO A 15 -7.39 3.38 -0.93
CA PRO A 15 -8.54 4.25 -0.62
C PRO A 15 -9.49 3.61 0.37
N ASP A 16 -9.55 2.28 0.37
CA ASP A 16 -10.42 1.55 1.28
C ASP A 16 -9.62 0.73 2.29
N GLY A 1 -8.46 1.31 2.81
CA GLY A 1 -7.68 0.70 3.88
C GLY A 1 -6.34 1.39 4.06
N PRO A 2 -5.58 0.94 5.07
CA PRO A 2 -4.26 1.50 5.37
C PRO A 2 -3.22 1.17 4.31
N CYS A 3 -1.96 1.34 4.65
CA CYS A 3 -0.87 1.06 3.72
C CYS A 3 -0.22 -0.30 4.03
N PHE A 4 0.29 -0.95 2.99
CA PHE A 4 0.93 -2.26 3.15
C PHE A 4 2.18 -2.35 2.29
N PRO A 5 3.25 -2.93 2.86
CA PRO A 5 4.53 -3.09 2.16
C PRO A 5 4.45 -4.13 1.04
N MET A 6 3.88 -3.73 -0.10
CA MET A 6 3.74 -4.62 -1.24
C MET A 6 3.79 -3.84 -2.54
N GLY A 7 3.67 -4.56 -3.66
CA GLY A 7 3.69 -3.91 -4.96
C GLY A 7 5.10 -3.60 -5.42
N PRO A 8 5.22 -2.86 -6.53
CA PRO A 8 6.51 -2.46 -7.10
C PRO A 8 7.24 -1.44 -6.23
N TRP A 9 6.48 -0.58 -5.57
CA TRP A 9 7.06 0.44 -4.70
C TRP A 9 7.20 -0.08 -3.28
N GLY A 10 6.17 -0.76 -2.78
CA GLY A 10 6.20 -1.29 -1.43
C GLY A 10 5.16 -0.65 -0.53
N PRO A 11 5.57 0.38 0.21
CA PRO A 11 4.68 1.09 1.13
C PRO A 11 3.63 1.91 0.40
N PHE A 12 2.56 1.24 -0.03
CA PHE A 12 1.49 1.91 -0.75
C PHE A 12 0.20 1.89 0.07
N CYS A 13 -0.57 2.97 -0.01
CA CYS A 13 -1.82 3.09 0.72
C CYS A 13 -3.02 2.95 -0.23
N ILE A 14 -4.10 2.38 0.28
CA ILE A 14 -5.31 2.20 -0.52
C ILE A 14 -6.43 3.12 -0.03
N PRO A 15 -7.39 3.38 -0.92
CA PRO A 15 -8.53 4.25 -0.62
C PRO A 15 -9.49 3.61 0.38
N ASP A 16 -9.55 2.29 0.38
CA ASP A 16 -10.42 1.55 1.27
C ASP A 16 -9.61 0.73 2.28
N GLY A 1 -8.40 1.20 2.74
CA GLY A 1 -7.62 0.64 3.84
C GLY A 1 -6.29 1.37 4.04
N PRO A 2 -5.54 0.95 5.05
CA PRO A 2 -4.24 1.54 5.37
C PRO A 2 -3.18 1.22 4.32
N CYS A 3 -1.92 1.43 4.67
CA CYS A 3 -0.81 1.16 3.76
C CYS A 3 -0.16 -0.19 4.08
N PHE A 4 0.33 -0.87 3.05
CA PHE A 4 0.97 -2.15 3.22
C PHE A 4 2.18 -2.29 2.29
N PRO A 5 3.27 -2.89 2.82
CA PRO A 5 4.51 -3.09 2.06
C PRO A 5 4.34 -4.12 0.94
N MET A 6 3.71 -3.71 -0.16
CA MET A 6 3.49 -4.60 -1.29
C MET A 6 3.62 -3.84 -2.61
N GLY A 7 3.45 -4.56 -3.72
CA GLY A 7 3.55 -3.93 -5.02
C GLY A 7 4.98 -3.63 -5.41
N PRO A 8 5.15 -2.87 -6.50
CA PRO A 8 6.49 -2.49 -7.00
C PRO A 8 7.19 -1.51 -6.08
N TRP A 9 6.44 -0.53 -5.59
CA TRP A 9 7.00 0.48 -4.69
C TRP A 9 7.15 -0.07 -3.28
N GLY A 10 6.11 -0.77 -2.81
CA GLY A 10 6.15 -1.33 -1.47
C GLY A 10 5.12 -0.70 -0.55
N PRO A 11 5.57 0.26 0.26
CA PRO A 11 4.69 0.96 1.21
C PRO A 11 3.70 1.88 0.51
N PHE A 12 2.59 1.31 0.07
CA PHE A 12 1.55 2.08 -0.62
C PHE A 12 0.24 2.03 0.15
N CYS A 13 -0.51 3.13 0.12
CA CYS A 13 -1.78 3.21 0.82
C CYS A 13 -2.95 3.05 -0.16
N ILE A 14 -4.02 2.42 0.31
CA ILE A 14 -5.19 2.20 -0.53
C ILE A 14 -6.36 3.08 -0.07
N PRO A 15 -7.32 3.30 -0.99
CA PRO A 15 -8.50 4.12 -0.71
C PRO A 15 -9.45 3.45 0.27
N ASP A 16 -9.45 2.11 0.26
CA ASP A 16 -10.31 1.35 1.16
C ASP A 16 -9.49 0.56 2.18
N GLY A 1 -8.51 1.33 2.83
CA GLY A 1 -7.72 0.70 3.87
C GLY A 1 -6.38 1.39 4.07
N PRO A 2 -5.62 0.91 5.08
CA PRO A 2 -4.30 1.46 5.38
C PRO A 2 -3.27 1.13 4.32
N CYS A 3 -2.00 1.28 4.67
CA CYS A 3 -0.91 1.00 3.74
C CYS A 3 -0.27 -0.36 4.03
N PHE A 4 0.28 -0.98 3.00
CA PHE A 4 0.91 -2.29 3.15
C PHE A 4 2.19 -2.36 2.32
N PRO A 5 3.23 -2.96 2.91
CA PRO A 5 4.54 -3.11 2.25
C PRO A 5 4.48 -4.12 1.10
N MET A 6 3.96 -3.69 -0.03
CA MET A 6 3.86 -4.55 -1.20
C MET A 6 3.81 -3.73 -2.48
N GLY A 7 3.69 -4.41 -3.62
CA GLY A 7 3.64 -3.72 -4.90
C GLY A 7 5.02 -3.48 -5.48
N PRO A 8 5.07 -2.73 -6.59
CA PRO A 8 6.33 -2.40 -7.27
C PRO A 8 7.19 -1.44 -6.47
N TRP A 9 6.57 -0.76 -5.51
CA TRP A 9 7.28 0.19 -4.66
C TRP A 9 7.38 -0.31 -3.23
N GLY A 10 6.27 -0.86 -2.72
CA GLY A 10 6.24 -1.37 -1.37
C GLY A 10 5.23 -0.65 -0.50
N PRO A 11 5.65 0.46 0.13
CA PRO A 11 4.79 1.26 0.99
C PRO A 11 3.71 2.00 0.22
N PHE A 12 2.59 1.32 -0.01
CA PHE A 12 1.48 1.91 -0.75
C PHE A 12 0.20 1.90 0.10
N CYS A 13 -0.61 2.95 -0.03
CA CYS A 13 -1.86 3.04 0.71
C CYS A 13 -3.05 2.92 -0.22
N ILE A 14 -4.13 2.32 0.28
CA ILE A 14 -5.34 2.16 -0.52
C ILE A 14 -6.45 3.09 -0.04
N PRO A 15 -7.41 3.38 -0.93
CA PRO A 15 -8.53 4.27 -0.63
C PRO A 15 -9.51 3.64 0.37
N ASP A 16 -9.57 2.31 0.37
CA ASP A 16 -10.46 1.59 1.28
C ASP A 16 -9.66 0.76 2.28
N GLY A 1 -8.69 1.41 2.82
CA GLY A 1 -7.83 0.63 3.69
C GLY A 1 -6.48 1.28 3.90
N PRO A 2 -5.73 0.79 4.91
CA PRO A 2 -4.41 1.31 5.24
C PRO A 2 -3.37 0.99 4.17
N CYS A 3 -2.10 1.16 4.52
CA CYS A 3 -1.00 0.88 3.59
C CYS A 3 -0.32 -0.43 3.94
N PHE A 4 0.32 -1.04 2.94
CA PHE A 4 1.02 -2.30 3.14
C PHE A 4 2.28 -2.37 2.28
N PRO A 5 3.36 -2.92 2.85
CA PRO A 5 4.64 -3.05 2.16
C PRO A 5 4.59 -4.09 1.04
N MET A 6 4.02 -3.71 -0.09
CA MET A 6 3.90 -4.61 -1.23
C MET A 6 3.93 -3.82 -2.55
N GLY A 7 3.85 -4.54 -3.66
CA GLY A 7 3.87 -3.91 -4.96
C GLY A 7 5.28 -3.57 -5.42
N PRO A 8 5.38 -2.82 -6.53
CA PRO A 8 6.68 -2.41 -7.09
C PRO A 8 7.39 -1.39 -6.22
N TRP A 9 6.60 -0.54 -5.55
CA TRP A 9 7.16 0.49 -4.68
C TRP A 9 7.30 -0.03 -3.24
N GLY A 10 6.27 -0.71 -2.77
CA GLY A 10 6.30 -1.25 -1.41
C GLY A 10 5.24 -0.62 -0.52
N PRO A 11 5.62 0.43 0.21
CA PRO A 11 4.72 1.13 1.12
C PRO A 11 3.65 1.92 0.38
N PHE A 12 2.59 1.22 -0.05
CA PHE A 12 1.50 1.86 -0.78
C PHE A 12 0.20 1.79 0.03
N CYS A 13 -0.64 2.81 -0.14
CA CYS A 13 -1.92 2.87 0.57
C CYS A 13 -3.08 2.65 -0.39
N ILE A 14 -4.18 2.11 0.12
CA ILE A 14 -5.36 1.86 -0.69
C ILE A 14 -6.53 2.74 -0.23
N PRO A 15 -7.52 2.92 -1.14
CA PRO A 15 -8.70 3.73 -0.85
C PRO A 15 -9.63 3.07 0.18
N ASP A 16 -9.65 3.63 1.38
CA ASP A 16 -10.49 3.10 2.44
C ASP A 16 -10.01 1.72 2.87
#